data_2VG8
#
_entry.id   2VG8
#
_cell.length_a   47.642
_cell.length_b   94.418
_cell.length_c   56.676
_cell.angle_alpha   90.00
_cell.angle_beta   110.35
_cell.angle_gamma   90.00
#
_symmetry.space_group_name_H-M   'P 1 21 1'
#
loop_
_entity.id
_entity.type
_entity.pdbx_description
1 polymer 'HYDROQUINONE GLUCOSYLTRANSFERASE'
2 non-polymer "URIDINE-5'-DIPHOSPHATE"
3 non-polymer 2-AMINO-2-HYDROXYMETHYL-PROPANE-1,3-DIOL
4 non-polymer 1,2-ETHANEDIOL
5 water water
#
_entity_poly.entity_id   1
_entity_poly.type   'polypeptide(L)'
_entity_poly.pdbx_seq_one_letter_code
;MEESKTPHVAIIPSPGMGHLIPLVEFAKRLVHLHGLTVTFVIAGEGPPSKAQRTVLDSLPSSISSVFLPPVDLTDLSSST
RIESRISLTVTRSNPELRKVFDSFVEGGRLPTALVVDLFGTDAFDVAVEFHVPPYIFYPTTANVLSFFLHLPKLDETVSC
EFRELTEPLMLPGCVPVAGKDFLDPAQDRKDDAYKWLLHNTKRYKEAEGILVNTFFELEPNAIKALQEPGLDKPPVYPVG
PLVNIGKQEAKQTEESECLKWLDNQPLGSVLYVSFGSGGTLTCEQLNELALGLADSEQRFLWVIRSPSGIANSSYFDSHS
QTDPLTFLPPGFLERTKKRGFVIPFWAPQAQVLAHPSTGGFLTHCGWNSTLESVVSGIPLIAWPLYAEQKMNAVLLSEDI
RAALRPRAGDDGLVRREEVARVVKGLMEGEEGKGVRNKMKELKEAACRVLKDDGTSTKALSLVALKWKAHKKELEQNGNH
;
_entity_poly.pdbx_strand_id   A
#
loop_
_chem_comp.id
_chem_comp.type
_chem_comp.name
_chem_comp.formula
EDO non-polymer 1,2-ETHANEDIOL 'C2 H6 O2'
TRS non-polymer 2-AMINO-2-HYDROXYMETHYL-PROPANE-1,3-DIOL 'C4 H12 N O3 1'
UDP RNA linking URIDINE-5'-DIPHOSPHATE 'C9 H14 N2 O12 P2'
#
# COMPACT_ATOMS: atom_id res chain seq x y z
N THR A 6 -11.33 28.14 5.50
CA THR A 6 -10.34 27.09 5.85
C THR A 6 -9.71 26.53 4.56
N PRO A 7 -8.44 26.08 4.66
CA PRO A 7 -7.81 25.50 3.46
C PRO A 7 -8.63 24.33 2.92
N HIS A 8 -8.75 24.33 1.60
CA HIS A 8 -9.35 23.29 0.81
C HIS A 8 -8.21 22.52 0.18
N VAL A 9 -8.21 21.21 0.38
CA VAL A 9 -7.15 20.37 -0.12
C VAL A 9 -7.77 19.43 -1.19
N ALA A 10 -7.17 19.42 -2.38
CA ALA A 10 -7.66 18.50 -3.45
C ALA A 10 -6.73 17.31 -3.44
N ILE A 11 -7.30 16.10 -3.48
CA ILE A 11 -6.51 14.86 -3.45
C ILE A 11 -6.85 14.13 -4.75
N ILE A 12 -5.81 13.80 -5.51
CA ILE A 12 -5.96 13.18 -6.83
C ILE A 12 -5.26 11.83 -6.72
N PRO A 13 -6.01 10.76 -6.38
CA PRO A 13 -5.32 9.47 -6.35
C PRO A 13 -5.07 8.89 -7.74
N SER A 14 -4.01 8.12 -7.89
CA SER A 14 -3.85 7.26 -9.06
C SER A 14 -4.52 5.92 -8.74
N PRO A 15 -5.00 5.21 -9.79
CA PRO A 15 -5.74 3.98 -9.51
C PRO A 15 -5.08 2.98 -8.56
N GLY A 16 -5.91 2.36 -7.73
CA GLY A 16 -5.47 1.33 -6.77
C GLY A 16 -6.18 1.50 -5.44
N MET A 17 -6.79 0.44 -4.93
CA MET A 17 -7.29 0.45 -3.54
C MET A 17 -6.23 0.83 -2.51
N GLY A 18 -4.98 0.41 -2.74
CA GLY A 18 -3.87 0.70 -1.81
C GLY A 18 -3.40 2.15 -1.89
N HIS A 19 -3.94 2.91 -2.85
CA HIS A 19 -3.72 4.37 -2.80
C HIS A 19 -4.95 5.05 -2.19
N LEU A 20 -6.15 4.64 -2.59
CA LEU A 20 -7.35 5.34 -2.12
C LEU A 20 -7.56 5.19 -0.61
N ILE A 21 -7.41 3.96 -0.11
CA ILE A 21 -7.61 3.69 1.30
C ILE A 21 -6.78 4.62 2.24
N PRO A 22 -5.44 4.66 2.09
CA PRO A 22 -4.71 5.53 3.00
C PRO A 22 -5.02 7.01 2.75
N LEU A 23 -5.32 7.36 1.50
CA LEU A 23 -5.65 8.77 1.22
C LEU A 23 -6.95 9.16 1.92
N VAL A 24 -7.90 8.21 1.98
CA VAL A 24 -9.12 8.47 2.73
C VAL A 24 -8.84 8.63 4.22
N GLU A 25 -8.02 7.75 4.80
CA GLU A 25 -7.62 7.90 6.20
C GLU A 25 -6.94 9.27 6.43
N PHE A 26 -6.08 9.64 5.50
CA PHE A 26 -5.36 10.94 5.55
C PHE A 26 -6.38 12.07 5.52
N ALA A 27 -7.32 12.03 4.57
CA ALA A 27 -8.38 13.08 4.48
C ALA A 27 -9.21 13.21 5.75
N LYS A 28 -9.59 12.07 6.34
CA LYS A 28 -10.37 12.08 7.58
C LYS A 28 -9.58 12.79 8.69
N ARG A 29 -8.28 12.54 8.78
CA ARG A 29 -7.44 13.21 9.78
C ARG A 29 -7.38 14.72 9.53
N LEU A 30 -7.26 15.10 8.26
CA LEU A 30 -7.22 16.52 7.91
C LEU A 30 -8.51 17.24 8.31
N VAL A 31 -9.65 16.60 8.10
CA VAL A 31 -10.93 17.26 8.41
C VAL A 31 -11.19 17.19 9.92
N HIS A 32 -11.03 16.02 10.51
CA HIS A 32 -11.38 15.88 11.93
C HIS A 32 -10.37 16.54 12.86
N LEU A 33 -9.10 16.41 12.56
CA LEU A 33 -8.06 16.88 13.46
C LEU A 33 -7.52 18.27 13.15
N HIS A 34 -7.70 18.72 11.91
CA HIS A 34 -7.13 19.99 11.49
C HIS A 34 -8.15 20.96 10.92
N GLY A 35 -9.40 20.54 10.83
CA GLY A 35 -10.47 21.47 10.44
C GLY A 35 -10.46 21.91 8.97
N LEU A 36 -9.78 21.16 8.09
CA LEU A 36 -9.70 21.47 6.68
C LEU A 36 -10.90 20.93 5.91
N THR A 37 -10.97 21.29 4.64
CA THR A 37 -11.96 20.66 3.76
C THR A 37 -11.16 19.94 2.71
N VAL A 38 -11.75 18.89 2.19
CA VAL A 38 -11.07 18.05 1.22
C VAL A 38 -12.03 17.68 0.09
N THR A 39 -11.51 17.69 -1.14
CA THR A 39 -12.24 17.16 -2.30
C THR A 39 -11.35 16.10 -2.94
N PHE A 40 -11.89 14.89 -3.07
CA PHE A 40 -11.25 13.89 -3.91
C PHE A 40 -11.65 14.14 -5.36
N VAL A 41 -10.66 14.09 -6.24
CA VAL A 41 -10.89 14.14 -7.67
C VAL A 41 -10.41 12.80 -8.21
N ILE A 42 -11.36 12.00 -8.65
CA ILE A 42 -11.15 10.59 -8.95
C ILE A 42 -11.05 10.38 -10.48
N ALA A 43 -9.88 10.01 -10.98
CA ALA A 43 -9.61 9.69 -12.39
C ALA A 43 -9.74 8.16 -12.55
N GLY A 44 -10.14 7.70 -13.74
CA GLY A 44 -10.25 6.27 -13.93
C GLY A 44 -10.81 5.99 -15.29
N GLU A 45 -11.19 4.73 -15.51
CA GLU A 45 -11.66 4.25 -16.83
C GLU A 45 -13.15 3.94 -16.80
N GLY A 46 -13.75 4.00 -15.62
CA GLY A 46 -15.14 3.54 -15.44
C GLY A 46 -15.60 3.85 -14.02
N PRO A 47 -16.86 3.54 -13.70
CA PRO A 47 -17.30 3.88 -12.34
C PRO A 47 -16.56 3.12 -11.22
N PRO A 48 -16.52 3.70 -10.02
CA PRO A 48 -15.84 2.99 -8.93
C PRO A 48 -16.46 1.61 -8.67
N SER A 49 -15.62 0.69 -8.22
CA SER A 49 -16.06 -0.64 -7.79
C SER A 49 -16.83 -0.60 -6.45
N LYS A 50 -17.50 -1.70 -6.13
C LYS A 50 -17.08 -1.75 -3.43
N ALA A 51 -15.81 -1.95 -3.79
CA ALA A 51 -14.71 -1.65 -2.86
C ALA A 51 -14.45 -0.14 -2.74
N GLN A 52 -14.40 0.55 -3.88
CA GLN A 52 -14.06 1.97 -3.94
C GLN A 52 -15.16 2.79 -3.28
N ARG A 53 -16.40 2.47 -3.61
CA ARG A 53 -17.56 3.19 -3.08
C ARG A 53 -17.72 2.97 -1.59
N THR A 54 -17.50 1.73 -1.15
CA THR A 54 -17.51 1.45 0.29
C THR A 54 -16.50 2.37 1.00
N VAL A 55 -15.29 2.47 0.45
CA VAL A 55 -14.26 3.36 0.99
C VAL A 55 -14.65 4.86 0.92
N LEU A 56 -15.24 5.30 -0.19
CA LEU A 56 -15.59 6.73 -0.29
C LEU A 56 -16.91 7.08 0.41
N ASP A 57 -17.67 6.06 0.83
CA ASP A 57 -18.94 6.30 1.49
C ASP A 57 -18.82 6.62 2.97
N SER A 58 -19.78 7.40 3.46
CA SER A 58 -19.94 7.71 4.87
C SER A 58 -18.90 8.69 5.42
N LEU A 59 -18.32 9.52 4.55
CA LEU A 59 -17.30 10.46 4.97
C LEU A 59 -17.95 11.71 5.54
N PRO A 60 -17.23 12.43 6.40
CA PRO A 60 -17.80 13.70 6.83
C PRO A 60 -18.14 14.54 5.59
N SER A 61 -19.12 15.45 5.73
CA SER A 61 -19.49 16.33 4.64
C SER A 61 -18.38 17.33 4.33
N SER A 62 -17.44 17.50 5.24
CA SER A 62 -16.23 18.30 4.91
C SER A 62 -15.36 17.64 3.81
N ILE A 63 -15.71 16.38 3.45
CA ILE A 63 -15.12 15.64 2.30
C ILE A 63 -16.08 15.32 1.12
N SER A 64 -15.83 15.93 -0.04
CA SER A 64 -16.62 15.64 -1.25
CA SER A 64 -16.61 15.69 -1.26
C SER A 64 -15.77 14.87 -2.26
N SER A 65 -16.44 14.24 -3.24
CA SER A 65 -15.77 13.47 -4.31
C SER A 65 -16.30 13.96 -5.64
N VAL A 66 -15.39 14.18 -6.59
CA VAL A 66 -15.72 14.52 -7.98
C VAL A 66 -15.18 13.37 -8.82
N PHE A 67 -16.01 12.77 -9.65
CA PHE A 67 -15.53 11.67 -10.48
C PHE A 67 -15.38 12.20 -11.90
N LEU A 68 -14.15 12.18 -12.41
CA LEU A 68 -13.87 12.71 -13.74
C LEU A 68 -14.48 11.80 -14.81
N PRO A 69 -14.71 12.34 -16.01
CA PRO A 69 -15.04 11.46 -17.15
C PRO A 69 -13.94 10.43 -17.33
N PRO A 70 -14.31 9.22 -17.72
CA PRO A 70 -13.32 8.17 -17.86
C PRO A 70 -12.29 8.48 -18.95
N VAL A 71 -11.00 8.26 -18.67
CA VAL A 71 -9.94 8.50 -19.62
C VAL A 71 -9.95 7.42 -20.68
N ASP A 72 -9.52 7.78 -21.87
CA ASP A 72 -9.41 6.89 -22.98
C ASP A 72 -8.05 6.21 -23.01
N LEU A 73 -8.00 4.97 -22.51
CA LEU A 73 -6.75 4.21 -22.57
C LEU A 73 -6.90 3.05 -23.57
N THR A 74 -7.86 3.17 -24.48
CA THR A 74 -8.13 2.14 -25.49
C THR A 74 -6.96 1.93 -26.48
N ASP A 75 -6.01 2.86 -26.49
CA ASP A 75 -4.85 2.75 -27.37
C ASP A 75 -3.79 1.79 -26.80
N LEU A 76 -3.84 1.56 -25.48
CA LEU A 76 -2.87 0.69 -24.81
C LEU A 76 -3.04 -0.80 -25.13
N SER A 77 -1.90 -1.43 -25.43
CA SER A 77 -1.78 -2.88 -25.57
C SER A 77 -2.17 -3.59 -24.27
N SER A 78 -2.82 -4.74 -24.43
CA SER A 78 -3.33 -5.48 -23.29
C SER A 78 -2.19 -5.92 -22.36
N SER A 79 -0.96 -5.88 -22.88
CA SER A 79 0.27 -6.24 -22.15
C SER A 79 0.82 -5.09 -21.32
N THR A 80 0.14 -3.96 -21.32
CA THR A 80 0.63 -2.75 -20.64
C THR A 80 0.78 -3.06 -19.16
N ARG A 81 1.91 -2.66 -18.59
CA ARG A 81 2.18 -2.95 -17.19
C ARG A 81 1.34 -2.00 -16.33
N ILE A 82 0.99 -2.44 -15.13
CA ILE A 82 0.07 -1.61 -14.33
C ILE A 82 0.55 -0.19 -14.07
N GLU A 83 1.86 -0.02 -13.80
CA GLU A 83 2.38 1.30 -13.48
C GLU A 83 2.19 2.27 -14.64
N SER A 84 2.30 1.79 -15.89
CA SER A 84 2.00 2.62 -17.08
C SER A 84 0.55 3.08 -17.07
N ARG A 85 -0.36 2.13 -16.84
CA ARG A 85 -1.80 2.41 -16.84
C ARG A 85 -2.14 3.41 -15.73
N ILE A 86 -1.56 3.17 -14.55
CA ILE A 86 -1.83 3.96 -13.32
C ILE A 86 -1.37 5.40 -13.57
N SER A 87 -0.13 5.55 -14.06
CA SER A 87 0.47 6.86 -14.34
CA SER A 87 0.46 6.86 -14.35
C SER A 87 -0.28 7.60 -15.44
N LEU A 88 -0.53 6.91 -16.55
CA LEU A 88 -1.26 7.52 -17.66
C LEU A 88 -2.72 7.90 -17.31
N THR A 89 -3.36 7.21 -16.35
CA THR A 89 -4.74 7.55 -15.94
C THR A 89 -4.75 8.98 -15.38
N VAL A 90 -3.74 9.30 -14.59
CA VAL A 90 -3.62 10.66 -14.04
C VAL A 90 -3.18 11.64 -15.14
N THR A 91 -2.13 11.30 -15.87
CA THR A 91 -1.61 12.20 -16.92
C THR A 91 -2.70 12.63 -17.93
N ARG A 92 -3.40 11.63 -18.47
CA ARG A 92 -4.42 11.89 -19.52
C ARG A 92 -5.68 12.56 -18.97
N SER A 93 -5.79 12.57 -17.65
CA SER A 93 -6.89 13.23 -16.95
C SER A 93 -6.69 14.71 -16.73
N ASN A 94 -5.46 15.20 -16.97
CA ASN A 94 -5.16 16.62 -16.75
C ASN A 94 -6.20 17.56 -17.36
N PRO A 95 -6.59 17.36 -18.64
CA PRO A 95 -7.66 18.29 -19.14
C PRO A 95 -8.94 18.37 -18.30
N GLU A 96 -9.37 17.24 -17.75
CA GLU A 96 -10.57 17.19 -16.94
C GLU A 96 -10.31 17.77 -15.56
N LEU A 97 -9.09 17.55 -15.05
CA LEU A 97 -8.67 18.14 -13.78
C LEU A 97 -8.64 19.69 -13.84
N ARG A 98 -8.15 20.25 -14.95
CA ARG A 98 -8.17 21.70 -15.21
C ARG A 98 -9.59 22.21 -15.10
N LYS A 99 -10.56 21.46 -15.62
CA LYS A 99 -11.98 21.92 -15.59
C LYS A 99 -12.48 21.97 -14.16
N VAL A 100 -12.09 20.98 -13.38
CA VAL A 100 -12.48 20.92 -12.00
C VAL A 100 -11.87 22.12 -11.25
N PHE A 101 -10.61 22.43 -11.54
CA PHE A 101 -9.97 23.58 -10.89
C PHE A 101 -10.65 24.89 -11.25
N ASP A 102 -11.01 25.04 -12.51
CA ASP A 102 -11.84 26.19 -12.90
C ASP A 102 -13.12 26.32 -12.05
N SER A 103 -13.84 25.23 -11.82
CA SER A 103 -15.03 25.26 -11.01
C SER A 103 -14.68 25.59 -9.57
N PHE A 104 -13.54 25.09 -9.06
CA PHE A 104 -13.12 25.50 -7.71
C PHE A 104 -12.93 27.03 -7.67
N VAL A 105 -12.28 27.58 -8.69
CA VAL A 105 -12.02 29.03 -8.74
C VAL A 105 -13.36 29.78 -8.69
N GLU A 106 -14.31 29.36 -9.55
CA GLU A 106 -15.66 29.98 -9.56
C GLU A 106 -16.37 29.89 -8.22
N GLY A 107 -16.19 28.78 -7.50
CA GLY A 107 -16.80 28.60 -6.18
C GLY A 107 -16.09 29.33 -5.04
N GLY A 108 -14.97 30.02 -5.34
CA GLY A 108 -14.17 30.67 -4.29
C GLY A 108 -13.49 29.65 -3.41
N ARG A 109 -13.19 28.48 -3.99
CA ARG A 109 -12.49 27.47 -3.23
C ARG A 109 -11.27 26.90 -3.97
N LEU A 110 -10.46 27.76 -4.59
CA LEU A 110 -9.16 27.31 -5.11
C LEU A 110 -8.42 26.52 -4.01
N PRO A 111 -8.00 25.28 -4.30
CA PRO A 111 -7.25 24.53 -3.29
C PRO A 111 -5.97 25.26 -2.76
N THR A 112 -5.70 25.03 -1.48
CA THR A 112 -4.42 25.41 -0.86
C THR A 112 -3.33 24.43 -1.16
N ALA A 113 -3.70 23.19 -1.45
CA ALA A 113 -2.70 22.19 -1.86
C ALA A 113 -3.33 21.16 -2.78
N LEU A 114 -2.54 20.63 -3.70
CA LEU A 114 -2.96 19.48 -4.51
C LEU A 114 -2.06 18.37 -4.01
N VAL A 115 -2.69 17.28 -3.56
CA VAL A 115 -1.95 16.12 -3.06
C VAL A 115 -2.13 15.00 -4.07
N VAL A 116 -1.03 14.51 -4.61
CA VAL A 116 -1.08 13.38 -5.54
C VAL A 116 -0.45 12.20 -4.80
N ASP A 117 -0.54 11.01 -5.37
CA ASP A 117 0.19 9.90 -4.77
C ASP A 117 1.41 9.59 -5.68
N LEU A 118 2.04 8.45 -5.47
CA LEU A 118 3.39 8.23 -5.96
C LEU A 118 3.54 8.17 -7.48
N PHE A 119 2.43 7.92 -8.19
CA PHE A 119 2.47 7.88 -9.67
C PHE A 119 1.67 9.00 -10.32
N GLY A 120 1.29 10.00 -9.52
CA GLY A 120 0.36 11.00 -10.01
C GLY A 120 0.97 12.38 -10.27
N THR A 121 2.30 12.42 -10.38
CA THR A 121 3.01 13.71 -10.46
C THR A 121 2.69 14.56 -11.68
N ASP A 122 2.20 13.98 -12.78
CA ASP A 122 1.81 14.86 -13.89
C ASP A 122 0.67 15.82 -13.53
N ALA A 123 -0.11 15.51 -12.50
CA ALA A 123 -1.13 16.46 -12.07
C ALA A 123 -0.49 17.76 -11.57
N PHE A 124 0.80 17.73 -11.25
CA PHE A 124 1.56 18.94 -10.87
C PHE A 124 1.41 20.03 -11.92
N ASP A 125 1.24 19.63 -13.19
CA ASP A 125 1.02 20.63 -14.25
C ASP A 125 -0.18 21.53 -13.91
N VAL A 126 -1.26 20.92 -13.43
CA VAL A 126 -2.48 21.67 -13.15
C VAL A 126 -2.24 22.54 -11.88
N ALA A 127 -1.57 21.95 -10.89
CA ALA A 127 -1.26 22.68 -9.67
C ALA A 127 -0.46 23.96 -10.00
N VAL A 128 0.59 23.81 -10.81
CA VAL A 128 1.46 24.95 -11.17
C VAL A 128 0.67 26.03 -11.97
N GLU A 129 -0.17 25.57 -12.88
CA GLU A 129 -1.01 26.46 -13.70
C GLU A 129 -1.93 27.30 -12.80
N PHE A 130 -2.47 26.70 -11.73
CA PHE A 130 -3.39 27.43 -10.85
C PHE A 130 -2.76 28.04 -9.60
N HIS A 131 -1.42 28.05 -9.55
CA HIS A 131 -0.61 28.53 -8.39
C HIS A 131 -0.94 27.83 -7.07
N VAL A 132 -1.20 26.53 -7.15
CA VAL A 132 -1.53 25.69 -6.00
C VAL A 132 -0.29 24.83 -5.65
N PRO A 133 0.24 24.93 -4.40
CA PRO A 133 1.35 24.07 -3.96
C PRO A 133 1.08 22.58 -4.18
N PRO A 134 1.99 21.87 -4.86
CA PRO A 134 1.87 20.42 -5.04
C PRO A 134 2.55 19.62 -3.93
N TYR A 135 1.89 18.56 -3.47
CA TYR A 135 2.46 17.70 -2.44
C TYR A 135 2.26 16.26 -2.89
N ILE A 136 3.07 15.37 -2.34
CA ILE A 136 2.93 13.95 -2.64
C ILE A 136 2.58 13.26 -1.34
N PHE A 137 1.54 12.43 -1.36
CA PHE A 137 1.30 11.52 -0.25
C PHE A 137 1.85 10.16 -0.73
N TYR A 138 2.87 9.69 -0.02
CA TYR A 138 3.58 8.47 -0.44
C TYR A 138 3.12 7.28 0.41
N PRO A 139 2.39 6.34 -0.22
CA PRO A 139 1.71 5.30 0.54
C PRO A 139 2.56 4.06 0.86
N THR A 140 3.86 4.11 0.64
CA THR A 140 4.68 2.99 1.02
C THR A 140 5.94 3.51 1.78
N THR A 141 6.97 2.65 1.89
CA THR A 141 7.99 2.85 2.96
C THR A 141 8.96 4.00 2.69
N ALA A 142 9.58 4.48 3.77
CA ALA A 142 10.66 5.44 3.70
C ALA A 142 11.84 4.82 2.90
N ASN A 143 12.02 3.50 3.02
CA ASN A 143 13.05 2.81 2.25
C ASN A 143 12.79 2.92 0.76
N VAL A 144 11.57 2.65 0.35
CA VAL A 144 11.26 2.76 -1.06
C VAL A 144 11.21 4.23 -1.52
N LEU A 145 10.71 5.12 -0.70
CA LEU A 145 10.79 6.54 -1.02
C LEU A 145 12.25 6.94 -1.30
N SER A 146 13.19 6.45 -0.50
CA SER A 146 14.61 6.77 -0.69
C SER A 146 15.03 6.27 -2.08
N PHE A 147 14.57 5.07 -2.41
CA PHE A 147 14.85 4.50 -3.72
C PHE A 147 14.31 5.41 -4.85
N PHE A 148 13.06 5.88 -4.69
CA PHE A 148 12.44 6.75 -5.72
C PHE A 148 13.23 8.04 -5.85
N LEU A 149 13.57 8.64 -4.72
CA LEU A 149 14.32 9.93 -4.75
C LEU A 149 15.70 9.78 -5.39
N HIS A 150 16.32 8.61 -5.22
CA HIS A 150 17.63 8.29 -5.80
C HIS A 150 17.57 7.81 -7.25
N LEU A 151 16.37 7.45 -7.72
CA LEU A 151 16.28 6.76 -9.00
C LEU A 151 16.81 7.62 -10.16
N PRO A 152 16.48 8.93 -10.19
CA PRO A 152 17.14 9.73 -11.28
C PRO A 152 18.67 9.60 -11.32
N LYS A 153 19.33 9.60 -10.16
CA LYS A 153 20.77 9.39 -10.05
C LYS A 153 21.20 7.97 -10.41
N LEU A 154 20.48 6.98 -9.89
CA LEU A 154 20.76 5.57 -10.19
C LEU A 154 20.65 5.33 -11.69
N ASP A 155 19.59 5.86 -12.31
CA ASP A 155 19.37 5.72 -13.76
C ASP A 155 20.55 6.28 -14.56
N GLU A 156 21.05 7.43 -14.13
CA GLU A 156 22.17 8.15 -14.78
C GLU A 156 23.48 7.36 -14.63
N THR A 157 23.69 6.75 -13.48
CA THR A 157 25.00 6.19 -13.13
C THR A 157 25.16 4.71 -13.40
N VAL A 158 24.02 4.02 -13.58
CA VAL A 158 24.01 2.59 -13.81
C VAL A 158 23.42 2.33 -15.19
N SER A 159 24.13 1.55 -16.01
CA SER A 159 23.68 1.34 -17.41
C SER A 159 23.23 -0.08 -17.70
N CYS A 160 23.38 -0.99 -16.74
CA CYS A 160 22.82 -2.33 -16.94
C CYS A 160 21.37 -2.41 -16.42
N GLU A 161 20.66 -3.45 -16.82
CA GLU A 161 19.39 -3.79 -16.17
C GLU A 161 19.79 -4.06 -14.71
N PHE A 162 18.97 -3.66 -13.74
CA PHE A 162 19.40 -3.71 -12.32
C PHE A 162 19.71 -5.11 -11.77
N ARG A 163 19.08 -6.11 -12.36
CA ARG A 163 19.33 -7.49 -11.95
C ARG A 163 20.81 -7.89 -12.14
N GLU A 164 21.51 -7.18 -13.03
CA GLU A 164 22.93 -7.47 -13.28
C GLU A 164 23.88 -6.89 -12.25
N LEU A 165 23.39 -6.05 -11.32
CA LEU A 165 24.28 -5.47 -10.31
C LEU A 165 24.76 -6.58 -9.41
N THR A 166 26.05 -6.56 -9.06
CA THR A 166 26.60 -7.61 -8.22
C THR A 166 26.60 -7.21 -6.73
N GLU A 167 26.57 -5.91 -6.44
CA GLU A 167 26.43 -5.45 -5.07
C GLU A 167 25.02 -4.89 -4.84
N PRO A 168 24.47 -5.09 -3.62
CA PRO A 168 23.13 -4.54 -3.34
C PRO A 168 23.20 -3.02 -3.25
N LEU A 169 22.07 -2.38 -3.51
CA LEU A 169 21.95 -0.95 -3.28
C LEU A 169 21.79 -0.70 -1.79
N MET A 170 22.61 0.19 -1.26
CA MET A 170 22.51 0.49 0.18
CA MET A 170 22.63 0.49 0.18
C MET A 170 22.53 1.99 0.41
N LEU A 171 21.34 2.57 0.19
CA LEU A 171 21.17 3.98 0.44
C LEU A 171 21.27 4.30 1.94
N PRO A 172 21.66 5.54 2.30
CA PRO A 172 21.75 5.88 3.73
C PRO A 172 20.50 5.46 4.50
N GLY A 173 20.70 4.69 5.58
CA GLY A 173 19.61 4.32 6.48
C GLY A 173 18.69 3.22 5.98
N CYS A 174 18.96 2.70 4.78
CA CYS A 174 18.08 1.73 4.12
C CYS A 174 18.58 0.31 4.22
N VAL A 175 17.66 -0.66 4.28
CA VAL A 175 18.11 -2.02 4.19
C VAL A 175 18.75 -2.24 2.78
N PRO A 176 19.85 -3.00 2.70
CA PRO A 176 20.40 -3.28 1.37
C PRO A 176 19.42 -4.09 0.56
N VAL A 177 19.28 -3.75 -0.71
CA VAL A 177 18.44 -4.53 -1.62
C VAL A 177 19.23 -4.89 -2.87
N ALA A 178 19.15 -6.16 -3.25
CA ALA A 178 19.73 -6.63 -4.51
C ALA A 178 18.99 -6.04 -5.72
N GLY A 179 19.73 -5.79 -6.79
CA GLY A 179 19.16 -5.26 -8.04
C GLY A 179 17.97 -6.07 -8.50
N LYS A 180 18.11 -7.40 -8.44
CA LYS A 180 17.04 -8.27 -8.87
C LYS A 180 15.76 -8.15 -8.03
N ASP A 181 15.84 -7.48 -6.86
CA ASP A 181 14.70 -7.31 -5.95
C ASP A 181 14.12 -5.90 -5.98
N PHE A 182 14.70 -4.98 -6.77
CA PHE A 182 14.10 -3.66 -6.94
C PHE A 182 12.66 -3.82 -7.43
N LEU A 183 11.80 -2.86 -7.11
CA LEU A 183 10.37 -2.99 -7.46
C LEU A 183 10.14 -3.37 -8.95
N ASP A 184 9.05 -4.09 -9.20
CA ASP A 184 8.75 -4.64 -10.54
C ASP A 184 8.97 -3.68 -11.73
N PRO A 185 8.45 -2.45 -11.66
CA PRO A 185 8.63 -1.58 -12.85
C PRO A 185 10.07 -1.13 -13.12
N ALA A 186 10.98 -1.37 -12.17
CA ALA A 186 12.39 -1.11 -12.39
C ALA A 186 13.09 -2.29 -13.11
N GLN A 187 12.40 -3.43 -13.26
CA GLN A 187 13.04 -4.68 -13.73
C GLN A 187 13.23 -4.80 -15.25
N ASP A 188 12.67 -3.86 -16.01
CA ASP A 188 12.81 -3.86 -17.46
C ASP A 188 12.87 -2.42 -17.91
N ARG A 189 14.08 -1.92 -18.05
CA ARG A 189 14.30 -0.51 -18.34
C ARG A 189 13.83 -0.12 -19.74
N LYS A 190 13.54 -1.10 -20.62
CA LYS A 190 13.02 -0.74 -21.94
C LYS A 190 11.51 -0.54 -21.96
N ASP A 191 10.84 -0.94 -20.89
CA ASP A 191 9.39 -0.94 -20.86
C ASP A 191 8.85 0.42 -20.46
N ASP A 192 7.69 0.82 -21.00
CA ASP A 192 7.07 2.08 -20.56
C ASP A 192 6.85 2.14 -19.06
N ALA A 193 6.73 0.99 -18.38
CA ALA A 193 6.55 1.02 -16.93
C ALA A 193 7.74 1.67 -16.25
N TYR A 194 8.94 1.31 -16.70
CA TYR A 194 10.13 1.99 -16.19
C TYR A 194 10.19 3.46 -16.56
N LYS A 195 9.86 3.76 -17.81
CA LYS A 195 9.83 5.13 -18.25
C LYS A 195 8.87 5.96 -17.41
N TRP A 196 7.70 5.45 -17.08
CA TRP A 196 6.76 6.21 -16.22
C TRP A 196 7.22 6.28 -14.78
N LEU A 197 7.81 5.19 -14.27
CA LEU A 197 8.41 5.20 -12.92
C LEU A 197 9.46 6.29 -12.83
N LEU A 198 10.41 6.26 -13.77
CA LEU A 198 11.48 7.22 -13.85
C LEU A 198 10.96 8.64 -13.93
N HIS A 199 10.03 8.86 -14.86
CA HIS A 199 9.44 10.16 -15.08
C HIS A 199 8.85 10.74 -13.77
N ASN A 200 7.96 9.97 -13.13
CA ASN A 200 7.45 10.33 -11.79
C ASN A 200 8.55 10.69 -10.78
N THR A 201 9.57 9.85 -10.68
CA THR A 201 10.62 10.10 -9.69
C THR A 201 11.36 11.43 -9.99
N LYS A 202 11.55 11.71 -11.28
CA LYS A 202 12.19 12.97 -11.67
C LYS A 202 11.38 14.18 -11.27
N ARG A 203 10.07 14.00 -11.06
CA ARG A 203 9.20 15.07 -10.66
C ARG A 203 9.07 15.25 -9.15
N TYR A 204 9.64 14.31 -8.38
CA TYR A 204 9.54 14.40 -6.92
C TYR A 204 10.17 15.68 -6.37
N LYS A 205 11.28 16.11 -6.98
CA LYS A 205 11.94 17.38 -6.57
C LYS A 205 11.03 18.61 -6.72
N GLU A 206 9.95 18.49 -7.49
CA GLU A 206 8.99 19.60 -7.65
C GLU A 206 7.99 19.75 -6.48
N ALA A 207 7.93 18.72 -5.64
CA ALA A 207 6.91 18.66 -4.59
C ALA A 207 7.34 19.62 -3.49
N GLU A 208 6.37 20.34 -2.97
CA GLU A 208 6.67 21.21 -1.83
C GLU A 208 6.87 20.40 -0.54
N GLY A 209 6.35 19.17 -0.51
CA GLY A 209 6.54 18.31 0.65
C GLY A 209 6.14 16.91 0.25
N ILE A 210 6.71 15.92 0.94
CA ILE A 210 6.30 14.56 0.70
C ILE A 210 5.87 13.97 2.05
N LEU A 211 4.60 13.56 2.11
CA LEU A 211 4.03 12.99 3.34
C LEU A 211 4.10 11.50 3.14
N VAL A 212 4.69 10.78 4.08
CA VAL A 212 4.92 9.34 3.87
C VAL A 212 4.21 8.53 4.95
N ASN A 213 3.51 7.50 4.53
CA ASN A 213 2.73 6.71 5.47
C ASN A 213 3.61 5.67 6.20
N THR A 214 4.46 6.19 7.11
CA THR A 214 5.31 5.34 7.95
C THR A 214 5.60 6.13 9.24
N PHE A 215 6.38 5.53 10.14
CA PHE A 215 6.67 6.22 11.39
C PHE A 215 8.03 5.88 11.92
N PHE A 216 8.51 6.79 12.79
CA PHE A 216 9.89 6.80 13.21
C PHE A 216 10.40 5.45 13.67
N GLU A 217 9.76 4.89 14.69
CA GLU A 217 10.19 3.58 15.24
C GLU A 217 10.20 2.45 14.21
N LEU A 218 9.36 2.57 13.16
CA LEU A 218 9.28 1.52 12.14
C LEU A 218 10.49 1.54 11.18
N GLU A 219 10.93 2.74 10.80
CA GLU A 219 12.04 2.93 9.82
C GLU A 219 12.92 4.09 10.26
N PRO A 220 13.53 3.97 11.46
CA PRO A 220 14.19 5.14 12.08
C PRO A 220 15.36 5.64 11.27
N ASN A 221 16.14 4.71 10.73
CA ASN A 221 17.35 5.05 10.00
C ASN A 221 17.05 5.70 8.65
N ALA A 222 16.05 5.16 7.96
CA ALA A 222 15.64 5.67 6.66
C ALA A 222 14.97 7.02 6.83
N ILE A 223 14.17 7.18 7.89
CA ILE A 223 13.54 8.49 8.13
C ILE A 223 14.60 9.55 8.47
N LYS A 224 15.54 9.22 9.33
CA LYS A 224 16.60 10.18 9.66
C LYS A 224 17.33 10.64 8.41
N ALA A 225 17.64 9.69 7.53
CA ALA A 225 18.38 9.98 6.31
C ALA A 225 17.55 10.86 5.41
N LEU A 226 16.27 10.55 5.27
CA LEU A 226 15.40 11.33 4.39
C LEU A 226 15.24 12.76 4.84
N GLN A 227 15.29 12.96 6.15
CA GLN A 227 15.11 14.27 6.69
C GLN A 227 16.37 15.14 6.68
N GLU A 228 17.52 14.53 6.40
CA GLU A 228 18.77 15.27 6.29
C GLU A 228 18.68 16.13 5.01
N PRO A 229 19.05 17.42 5.09
CA PRO A 229 19.18 18.28 3.90
C PRO A 229 19.89 17.57 2.74
N GLY A 230 19.41 17.81 1.53
CA GLY A 230 20.01 17.18 0.36
C GLY A 230 19.74 17.97 -0.89
N LEU A 231 20.56 17.73 -1.91
CA LEU A 231 20.39 18.36 -3.23
C LEU A 231 18.97 18.10 -3.78
N ASP A 232 18.18 19.16 -3.96
CA ASP A 232 16.85 19.10 -4.61
C ASP A 232 15.88 18.16 -3.84
N LYS A 233 16.11 17.98 -2.56
CA LYS A 233 15.31 17.01 -1.81
C LYS A 233 14.18 17.73 -1.08
N PRO A 234 12.90 17.34 -1.32
CA PRO A 234 11.83 18.05 -0.60
C PRO A 234 11.80 17.65 0.86
N PRO A 235 11.16 18.45 1.71
CA PRO A 235 10.86 18.11 3.09
C PRO A 235 10.07 16.78 3.06
N VAL A 236 10.42 15.87 3.96
CA VAL A 236 9.75 14.58 4.11
C VAL A 236 9.14 14.52 5.52
N TYR A 237 7.83 14.24 5.55
CA TYR A 237 7.04 14.19 6.76
C TYR A 237 6.44 12.76 6.98
N PRO A 238 7.02 11.97 7.91
CA PRO A 238 6.32 10.69 8.29
C PRO A 238 5.05 10.98 9.06
N VAL A 239 3.92 10.46 8.60
CA VAL A 239 2.63 10.81 9.19
C VAL A 239 1.83 9.56 9.55
N GLY A 240 2.45 8.39 9.40
CA GLY A 240 1.74 7.13 9.62
C GLY A 240 1.78 6.67 11.07
N PRO A 241 1.18 5.51 11.35
CA PRO A 241 0.49 4.68 10.37
C PRO A 241 -0.96 5.15 10.21
N LEU A 242 -1.32 5.65 9.03
CA LEU A 242 -2.69 6.06 8.77
C LEU A 242 -3.42 4.85 8.20
N VAL A 243 -4.25 4.26 9.04
CA VAL A 243 -4.99 3.04 8.70
C VAL A 243 -6.40 3.03 9.26
N ASN A 244 -7.21 2.16 8.66
CA ASN A 244 -8.52 1.79 9.17
C ASN A 244 -8.26 0.82 10.35
N ILE A 245 -8.60 1.25 11.56
CA ILE A 245 -8.27 0.49 12.78
C ILE A 245 -9.24 -0.66 13.03
N GLY A 246 -10.27 -0.76 12.17
CA GLY A 246 -11.09 -1.96 12.11
C GLY A 246 -12.23 -1.95 13.12
N LYS A 247 -12.66 -0.74 13.49
CA LYS A 247 -13.76 -0.53 14.46
C LYS A 247 -15.14 -0.28 13.80
N GLN A 248 -15.18 -0.23 12.47
CA GLN A 248 -16.45 -0.08 11.69
C GLN A 248 -17.25 -1.38 11.66
N GLU A 249 -18.58 -1.29 11.61
CA GLU A 249 -19.48 -2.47 11.69
C GLU A 249 -19.23 -3.61 10.68
N GLU A 255 -18.42 -11.46 4.44
CA GLU A 255 -17.85 -10.37 5.25
C GLU A 255 -18.35 -10.48 6.70
N SER A 256 -19.65 -10.36 6.90
CA SER A 256 -20.24 -10.60 8.22
C SER A 256 -20.01 -12.03 8.70
N GLU A 257 -20.21 -12.99 7.80
CA GLU A 257 -20.04 -14.40 8.07
C GLU A 257 -18.59 -14.78 8.43
N CYS A 258 -17.60 -14.22 7.73
CA CYS A 258 -16.22 -14.56 8.11
C CYS A 258 -15.87 -14.00 9.49
N LEU A 259 -16.39 -12.83 9.87
CA LEU A 259 -16.14 -12.28 11.22
C LEU A 259 -16.87 -13.09 12.32
N LYS A 260 -18.07 -13.57 11.99
CA LYS A 260 -18.82 -14.46 12.87
C LYS A 260 -18.05 -15.76 13.12
N TRP A 261 -17.46 -16.31 12.04
CA TRP A 261 -16.56 -17.45 12.13
C TRP A 261 -15.38 -17.11 13.05
N LEU A 262 -14.74 -15.98 12.78
CA LEU A 262 -13.62 -15.55 13.59
C LEU A 262 -13.98 -15.44 15.08
N ASP A 263 -15.17 -14.91 15.38
CA ASP A 263 -15.65 -14.78 16.79
C ASP A 263 -15.63 -16.13 17.52
N ASN A 264 -15.80 -17.22 16.77
CA ASN A 264 -15.80 -18.58 17.33
C ASN A 264 -14.43 -19.27 17.50
N GLN A 265 -13.34 -18.55 17.21
CA GLN A 265 -12.00 -19.14 17.34
C GLN A 265 -11.26 -18.60 18.55
N PRO A 266 -10.35 -19.43 19.13
CA PRO A 266 -9.57 -19.07 20.31
C PRO A 266 -8.73 -17.80 20.05
N LEU A 267 -8.50 -17.04 21.12
CA LEU A 267 -7.55 -15.91 21.08
C LEU A 267 -6.28 -16.25 20.32
N GLY A 268 -5.89 -15.36 19.40
CA GLY A 268 -4.57 -15.42 18.79
C GLY A 268 -4.32 -16.65 17.92
N SER A 269 -5.40 -17.34 17.54
CA SER A 269 -5.25 -18.66 16.91
C SER A 269 -5.27 -18.69 15.39
N VAL A 270 -5.76 -17.61 14.76
CA VAL A 270 -6.08 -17.65 13.32
C VAL A 270 -5.00 -16.98 12.46
N LEU A 271 -4.51 -17.71 11.46
CA LEU A 271 -3.68 -17.10 10.41
C LEU A 271 -4.54 -16.47 9.32
N TYR A 272 -4.48 -15.16 9.21
CA TYR A 272 -5.11 -14.48 8.09
C TYR A 272 -4.18 -14.61 6.89
N VAL A 273 -4.76 -14.84 5.73
CA VAL A 273 -4.00 -15.02 4.47
C VAL A 273 -4.64 -14.12 3.38
N SER A 274 -3.89 -13.14 2.89
CA SER A 274 -4.43 -12.23 1.86
C SER A 274 -3.33 -11.59 1.04
N PHE A 275 -3.60 -11.42 -0.24
CA PHE A 275 -2.58 -10.91 -1.18
C PHE A 275 -2.98 -9.55 -1.74
N GLY A 276 -3.59 -8.74 -0.88
CA GLY A 276 -3.87 -7.37 -1.24
C GLY A 276 -5.13 -7.22 -2.09
N SER A 277 -5.28 -6.03 -2.68
CA SER A 277 -6.43 -5.77 -3.53
C SER A 277 -6.20 -6.25 -4.95
N GLY A 278 -4.98 -6.62 -5.28
CA GLY A 278 -4.70 -6.97 -6.67
C GLY A 278 -3.83 -8.20 -6.90
N GLY A 279 -3.54 -8.97 -5.87
CA GLY A 279 -2.59 -10.09 -6.05
C GLY A 279 -3.26 -11.44 -6.21
N THR A 280 -2.64 -12.27 -7.05
CA THR A 280 -3.03 -13.66 -7.14
CA THR A 280 -3.05 -13.66 -7.32
C THR A 280 -1.77 -14.50 -7.35
N LEU A 281 -1.91 -15.81 -7.17
CA LEU A 281 -0.78 -16.73 -7.30
C LEU A 281 -0.98 -17.53 -8.60
N THR A 282 0.09 -18.13 -9.07
CA THR A 282 -0.01 -19.09 -10.19
C THR A 282 -0.84 -20.28 -9.71
N CYS A 283 -1.32 -21.10 -10.62
CA CYS A 283 -2.01 -22.35 -10.27
CA CYS A 283 -2.08 -22.23 -10.14
C CYS A 283 -1.21 -23.22 -9.37
N GLU A 284 0.04 -23.45 -9.77
CA GLU A 284 0.91 -24.35 -9.04
C GLU A 284 1.17 -23.79 -7.62
N GLN A 285 1.41 -22.50 -7.53
CA GLN A 285 1.59 -21.92 -6.19
C GLN A 285 0.33 -21.90 -5.33
N LEU A 286 -0.82 -21.63 -5.94
CA LEU A 286 -2.12 -21.72 -5.23
C LEU A 286 -2.30 -23.13 -4.65
N ASN A 287 -2.03 -24.12 -5.50
CA ASN A 287 -2.16 -25.51 -5.04
C ASN A 287 -1.26 -25.80 -3.84
N GLU A 288 0.02 -25.41 -3.87
CA GLU A 288 0.96 -25.75 -2.79
C GLU A 288 0.58 -24.99 -1.52
N LEU A 289 0.15 -23.76 -1.69
CA LEU A 289 -0.31 -22.98 -0.53
C LEU A 289 -1.52 -23.64 0.14
N ALA A 290 -2.56 -23.95 -0.63
CA ALA A 290 -3.70 -24.70 -0.09
C ALA A 290 -3.26 -25.95 0.67
N LEU A 291 -2.46 -26.80 0.02
CA LEU A 291 -2.03 -28.03 0.65
C LEU A 291 -1.26 -27.77 1.94
N GLY A 292 -0.34 -26.78 1.90
CA GLY A 292 0.50 -26.48 3.07
C GLY A 292 -0.30 -25.86 4.21
N LEU A 293 -1.33 -25.07 3.88
CA LEU A 293 -2.20 -24.49 4.91
C LEU A 293 -2.95 -25.64 5.59
N ALA A 294 -3.48 -26.56 4.79
CA ALA A 294 -4.15 -27.72 5.37
C ALA A 294 -3.18 -28.53 6.24
N ASP A 295 -2.01 -28.84 5.69
CA ASP A 295 -0.96 -29.61 6.40
C ASP A 295 -0.59 -29.04 7.75
N SER A 296 -0.58 -27.70 7.83
CA SER A 296 -0.14 -26.99 9.01
C SER A 296 -1.02 -27.30 10.23
N GLU A 297 -2.26 -27.65 9.97
CA GLU A 297 -3.27 -27.87 11.00
C GLU A 297 -3.61 -26.61 11.81
N GLN A 298 -3.10 -25.46 11.37
CA GLN A 298 -3.46 -24.20 11.98
C GLN A 298 -4.78 -23.69 11.45
N ARG A 299 -5.47 -22.91 12.27
CA ARG A 299 -6.68 -22.24 11.79
C ARG A 299 -6.26 -21.11 10.88
N PHE A 300 -7.08 -20.83 9.88
CA PHE A 300 -6.74 -19.79 8.87
C PHE A 300 -7.97 -19.18 8.26
N LEU A 301 -7.82 -17.94 7.80
CA LEU A 301 -8.87 -17.24 7.13
C LEU A 301 -8.21 -16.68 5.90
N TRP A 302 -8.57 -17.28 4.76
CA TRP A 302 -7.90 -17.01 3.49
C TRP A 302 -8.81 -16.29 2.50
N VAL A 303 -8.42 -15.07 2.10
CA VAL A 303 -9.11 -14.35 1.04
C VAL A 303 -8.50 -14.79 -0.28
N ILE A 304 -9.30 -15.52 -1.07
CA ILE A 304 -8.77 -16.20 -2.23
C ILE A 304 -9.20 -15.56 -3.55
N ARG A 305 -8.29 -15.57 -4.51
CA ARG A 305 -8.63 -15.17 -5.88
CA ARG A 305 -8.58 -15.14 -5.88
C ARG A 305 -8.21 -16.26 -6.86
N SER A 306 -8.88 -16.30 -8.01
CA SER A 306 -8.51 -17.26 -9.02
C SER A 306 -7.07 -17.05 -9.50
N PRO A 307 -6.37 -18.16 -9.79
CA PRO A 307 -4.96 -18.05 -10.13
C PRO A 307 -4.73 -17.41 -11.48
N SER A 308 -3.52 -16.92 -11.67
CA SER A 308 -3.06 -16.28 -12.91
C SER A 308 -1.55 -16.36 -13.02
N GLY A 309 -1.08 -16.33 -14.26
CA GLY A 309 0.38 -16.24 -14.51
C GLY A 309 0.90 -14.81 -14.28
N ILE A 310 -0.02 -13.88 -14.12
CA ILE A 310 0.35 -12.50 -13.88
C ILE A 310 -0.09 -12.12 -12.45
N ALA A 311 0.89 -11.82 -11.60
CA ALA A 311 0.68 -11.69 -10.15
C ALA A 311 -0.27 -10.57 -9.77
N ASN A 312 -0.34 -9.52 -10.60
CA ASN A 312 -1.18 -8.34 -10.29
C ASN A 312 -2.35 -8.25 -11.22
N SER A 313 -2.74 -9.39 -11.81
CA SER A 313 -3.82 -9.42 -12.81
C SER A 313 -5.19 -8.86 -12.34
N SER A 314 -5.47 -8.92 -11.03
CA SER A 314 -6.72 -8.46 -10.41
CA SER A 314 -6.74 -8.44 -10.48
C SER A 314 -6.65 -7.01 -9.92
N TYR A 315 -5.56 -6.32 -10.25
CA TYR A 315 -5.37 -4.95 -9.69
C TYR A 315 -6.55 -4.00 -9.93
N PHE A 316 -7.13 -4.08 -11.11
CA PHE A 316 -8.17 -3.13 -11.52
C PHE A 316 -9.58 -3.74 -11.44
N ASP A 317 -9.66 -4.98 -11.00
CA ASP A 317 -10.90 -5.77 -11.08
C ASP A 317 -11.87 -5.37 -10.01
N SER A 318 -13.15 -5.24 -10.38
CA SER A 318 -14.18 -4.84 -9.43
C SER A 318 -14.77 -6.09 -8.77
N HIS A 319 -14.55 -7.24 -9.41
CA HIS A 319 -15.13 -8.52 -8.96
C HIS A 319 -14.37 -9.69 -9.63
N SER A 320 -14.77 -10.91 -9.30
N SER A 320 -14.73 -10.91 -9.26
CA SER A 320 -14.16 -12.12 -9.87
CA SER A 320 -14.17 -12.09 -9.89
C SER A 320 -15.13 -12.88 -10.78
C SER A 320 -15.20 -12.65 -10.87
N GLN A 321 -14.73 -13.07 -12.04
CA GLN A 321 -15.58 -13.64 -13.07
C GLN A 321 -15.73 -15.14 -12.83
N THR A 322 -14.64 -15.78 -12.38
CA THR A 322 -14.67 -17.22 -12.08
C THR A 322 -14.81 -17.42 -10.58
N ASP A 323 -15.30 -18.60 -10.18
CA ASP A 323 -15.36 -18.95 -8.77
C ASP A 323 -13.97 -19.49 -8.29
N PRO A 324 -13.27 -18.71 -7.41
CA PRO A 324 -11.92 -19.14 -7.01
C PRO A 324 -11.89 -20.52 -6.38
N LEU A 325 -12.99 -20.91 -5.74
CA LEU A 325 -13.05 -22.16 -4.97
C LEU A 325 -12.89 -23.37 -5.87
N THR A 326 -13.20 -23.22 -7.15
CA THR A 326 -13.12 -24.34 -8.13
C THR A 326 -11.66 -24.72 -8.41
N PHE A 327 -10.70 -23.87 -7.97
CA PHE A 327 -9.27 -24.10 -8.19
C PHE A 327 -8.58 -24.84 -7.03
N LEU A 328 -9.32 -25.12 -5.98
CA LEU A 328 -8.73 -25.72 -4.78
C LEU A 328 -8.60 -27.23 -4.94
N PRO A 329 -7.59 -27.81 -4.29
CA PRO A 329 -7.35 -29.23 -4.53
C PRO A 329 -8.44 -30.16 -3.97
N PRO A 330 -8.45 -31.42 -4.45
CA PRO A 330 -9.49 -32.35 -3.96
C PRO A 330 -9.54 -32.46 -2.46
N GLY A 331 -10.72 -32.34 -1.89
CA GLY A 331 -10.87 -32.53 -0.43
C GLY A 331 -10.38 -31.38 0.43
N PHE A 332 -9.74 -30.39 -0.17
CA PHE A 332 -9.18 -29.30 0.65
C PHE A 332 -10.28 -28.60 1.49
N LEU A 333 -11.38 -28.24 0.83
CA LEU A 333 -12.51 -27.57 1.49
C LEU A 333 -13.16 -28.45 2.56
N GLU A 334 -13.22 -29.75 2.29
CA GLU A 334 -13.67 -30.74 3.28
C GLU A 334 -12.75 -30.82 4.48
N ARG A 335 -11.44 -30.96 4.25
CA ARG A 335 -10.53 -31.20 5.37
C ARG A 335 -10.52 -29.98 6.27
N THR A 336 -10.68 -28.81 5.68
CA THR A 336 -10.51 -27.52 6.37
C THR A 336 -11.82 -26.85 6.77
N LYS A 337 -12.91 -27.60 6.66
CA LYS A 337 -14.25 -27.08 6.89
C LYS A 337 -14.44 -26.40 8.25
N LYS A 338 -13.83 -26.98 9.27
CA LYS A 338 -13.95 -26.43 10.62
C LYS A 338 -12.86 -25.37 10.89
N ARG A 339 -11.61 -25.66 10.50
CA ARG A 339 -10.46 -24.84 10.96
C ARG A 339 -10.08 -23.74 10.00
N GLY A 340 -10.61 -23.80 8.79
CA GLY A 340 -10.34 -22.78 7.75
C GLY A 340 -11.56 -22.07 7.23
N PHE A 341 -11.42 -20.78 6.97
CA PHE A 341 -12.50 -20.03 6.34
C PHE A 341 -11.95 -19.43 5.06
N VAL A 342 -12.47 -19.88 3.93
CA VAL A 342 -12.03 -19.37 2.64
C VAL A 342 -13.08 -18.43 2.06
N ILE A 343 -12.70 -17.18 1.85
CA ILE A 343 -13.63 -16.17 1.35
C ILE A 343 -13.14 -15.63 -0.01
N PRO A 344 -14.00 -15.69 -1.06
CA PRO A 344 -13.50 -15.16 -2.30
C PRO A 344 -13.40 -13.65 -2.39
N PHE A 345 -12.27 -13.22 -2.96
N PHE A 345 -12.34 -13.17 -3.06
N PHE A 345 -12.28 -13.22 -2.97
CA PHE A 345 -12.01 -11.91 -3.53
CA PHE A 345 -12.30 -11.81 -3.62
CA PHE A 345 -12.05 -11.89 -3.53
C PHE A 345 -11.83 -10.71 -2.60
C PHE A 345 -11.92 -10.69 -2.67
C PHE A 345 -11.75 -10.80 -2.52
N TRP A 346 -12.64 -10.63 -1.55
CA TRP A 346 -12.56 -9.49 -0.63
C TRP A 346 -13.07 -9.80 0.76
N ALA A 347 -12.27 -9.45 1.75
CA ALA A 347 -12.63 -9.61 3.17
C ALA A 347 -12.56 -8.26 3.87
N PRO A 348 -13.24 -8.13 5.03
CA PRO A 348 -13.20 -6.92 5.86
C PRO A 348 -11.90 -6.91 6.64
N GLN A 349 -10.80 -6.61 5.94
CA GLN A 349 -9.48 -6.92 6.45
C GLN A 349 -9.18 -6.17 7.74
N ALA A 350 -9.54 -4.88 7.77
CA ALA A 350 -9.24 -4.06 8.97
C ALA A 350 -9.87 -4.71 10.21
N GLN A 351 -11.12 -5.17 10.07
CA GLN A 351 -11.79 -5.90 11.15
C GLN A 351 -11.08 -7.18 11.55
N VAL A 352 -10.63 -7.95 10.56
CA VAL A 352 -9.94 -9.21 10.82
C VAL A 352 -8.65 -9.00 11.58
N LEU A 353 -7.83 -8.05 11.12
CA LEU A 353 -6.55 -7.84 11.76
C LEU A 353 -6.69 -7.30 13.19
N ALA A 354 -7.80 -6.61 13.45
CA ALA A 354 -8.08 -6.06 14.80
C ALA A 354 -8.79 -7.06 15.75
N HIS A 355 -9.08 -8.24 15.22
CA HIS A 355 -9.89 -9.20 15.95
C HIS A 355 -9.02 -9.97 16.88
N PRO A 356 -9.45 -10.17 18.17
CA PRO A 356 -8.62 -10.91 19.14
C PRO A 356 -8.23 -12.32 18.76
N SER A 357 -9.01 -12.96 17.89
CA SER A 357 -8.74 -14.35 17.51
C SER A 357 -7.67 -14.43 16.42
N THR A 358 -7.29 -13.29 15.89
CA THR A 358 -6.28 -13.32 14.83
C THR A 358 -4.90 -13.35 15.46
N GLY A 359 -4.01 -14.23 14.97
CA GLY A 359 -2.69 -14.37 15.53
C GLY A 359 -1.51 -14.26 14.58
N GLY A 360 -1.78 -14.21 13.27
CA GLY A 360 -0.71 -14.17 12.28
C GLY A 360 -1.25 -13.73 10.96
N PHE A 361 -0.35 -13.23 10.10
CA PHE A 361 -0.78 -12.73 8.79
C PHE A 361 0.24 -13.12 7.72
N LEU A 362 -0.18 -14.00 6.83
CA LEU A 362 0.58 -14.30 5.61
C LEU A 362 0.16 -13.26 4.58
N THR A 363 1.07 -12.33 4.31
CA THR A 363 0.80 -11.10 3.55
C THR A 363 1.68 -10.97 2.31
N HIS A 364 1.14 -10.32 1.27
CA HIS A 364 1.95 -9.97 0.09
C HIS A 364 2.90 -8.82 0.41
N CYS A 365 2.80 -8.22 1.61
CA CYS A 365 3.68 -7.11 2.07
C CYS A 365 3.33 -5.77 1.40
N GLY A 366 2.11 -5.66 0.88
CA GLY A 366 1.57 -4.34 0.56
C GLY A 366 1.63 -3.50 1.83
N TRP A 367 1.87 -2.18 1.70
CA TRP A 367 2.23 -1.42 2.87
C TRP A 367 1.03 -1.15 3.75
N ASN A 368 -0.16 -0.94 3.17
CA ASN A 368 -1.35 -0.79 4.02
C ASN A 368 -1.58 -2.04 4.84
N SER A 369 -1.51 -3.20 4.19
CA SER A 369 -1.70 -4.46 4.95
C SER A 369 -0.67 -4.53 6.06
N THR A 370 0.57 -4.13 5.75
CA THR A 370 1.67 -4.17 6.75
C THR A 370 1.35 -3.27 7.93
N LEU A 371 1.00 -2.01 7.64
CA LEU A 371 0.68 -1.03 8.69
C LEU A 371 -0.51 -1.50 9.52
N GLU A 372 -1.54 -2.02 8.87
CA GLU A 372 -2.71 -2.52 9.61
C GLU A 372 -2.23 -3.60 10.60
N SER A 373 -1.36 -4.49 10.12
CA SER A 373 -0.85 -5.60 10.94
C SER A 373 -0.03 -5.03 12.12
N VAL A 374 0.84 -4.05 11.83
CA VAL A 374 1.62 -3.39 12.89
C VAL A 374 0.71 -2.81 13.97
N VAL A 375 -0.34 -2.12 13.56
CA VAL A 375 -1.23 -1.40 14.50
C VAL A 375 -1.92 -2.42 15.41
N SER A 376 -2.14 -3.64 14.92
CA SER A 376 -2.70 -4.67 15.79
C SER A 376 -1.70 -5.67 16.37
N GLY A 377 -0.40 -5.41 16.18
CA GLY A 377 0.66 -6.31 16.70
C GLY A 377 0.64 -7.71 16.12
N ILE A 378 0.18 -7.83 14.87
CA ILE A 378 0.08 -9.19 14.24
C ILE A 378 1.36 -9.52 13.45
N PRO A 379 2.08 -10.58 13.84
CA PRO A 379 3.33 -10.89 13.12
C PRO A 379 3.09 -11.46 11.72
N LEU A 380 4.10 -11.33 10.88
CA LEU A 380 3.91 -11.62 9.47
C LEU A 380 4.69 -12.81 8.96
N ILE A 381 4.11 -13.47 7.95
CA ILE A 381 4.90 -14.18 6.94
C ILE A 381 4.90 -13.32 5.64
N ALA A 382 6.10 -13.00 5.18
CA ALA A 382 6.32 -12.10 4.06
C ALA A 382 6.29 -12.95 2.75
N TRP A 383 5.27 -12.72 1.94
CA TRP A 383 5.07 -13.44 0.64
C TRP A 383 4.85 -12.43 -0.48
N PRO A 384 5.93 -11.70 -0.85
CA PRO A 384 5.77 -10.60 -1.83
C PRO A 384 5.42 -11.09 -3.21
N LEU A 385 4.62 -10.30 -3.94
CA LEU A 385 4.19 -10.70 -5.26
C LEU A 385 4.60 -9.79 -6.44
N TYR A 386 4.49 -8.48 -6.26
CA TYR A 386 4.68 -7.51 -7.37
C TYR A 386 4.93 -6.13 -6.79
N ALA A 387 4.93 -5.10 -7.66
CA ALA A 387 5.25 -3.75 -7.24
C ALA A 387 6.52 -3.74 -6.38
N GLU A 388 6.53 -2.99 -5.28
CA GLU A 388 7.72 -2.93 -4.41
C GLU A 388 7.70 -3.97 -3.24
N GLN A 389 6.84 -4.98 -3.36
CA GLN A 389 6.62 -5.87 -2.21
C GLN A 389 7.91 -6.62 -1.80
N LYS A 390 8.75 -7.01 -2.77
CA LYS A 390 9.96 -7.70 -2.40
C LYS A 390 10.87 -6.76 -1.58
N MET A 391 10.94 -5.49 -1.96
CA MET A 391 11.72 -4.51 -1.15
C MET A 391 11.19 -4.46 0.27
N ASN A 392 9.85 -4.46 0.40
CA ASN A 392 9.19 -4.41 1.72
C ASN A 392 9.51 -5.70 2.50
N ALA A 393 9.54 -6.83 1.79
CA ALA A 393 9.77 -8.11 2.45
C ALA A 393 11.18 -8.17 3.00
N VAL A 394 12.14 -7.61 2.25
CA VAL A 394 13.52 -7.54 2.73
C VAL A 394 13.59 -6.62 3.95
N LEU A 395 12.92 -5.48 3.87
CA LEU A 395 12.89 -4.56 5.02
C LEU A 395 12.29 -5.25 6.28
N LEU A 396 11.18 -5.94 6.08
CA LEU A 396 10.40 -6.53 7.18
C LEU A 396 11.13 -7.72 7.79
N SER A 397 11.85 -8.49 6.98
CA SER A 397 12.49 -9.70 7.49
C SER A 397 13.93 -9.50 7.91
N GLU A 398 14.62 -8.57 7.27
CA GLU A 398 16.08 -8.43 7.52
C GLU A 398 16.47 -7.24 8.38
N ASP A 399 15.57 -6.27 8.48
CA ASP A 399 15.90 -5.05 9.16
C ASP A 399 14.96 -4.82 10.33
N ILE A 400 13.69 -4.65 10.02
CA ILE A 400 12.68 -4.50 11.09
C ILE A 400 12.59 -5.82 11.89
N ARG A 401 12.66 -6.94 11.18
CA ARG A 401 12.59 -8.25 11.81
C ARG A 401 11.23 -8.52 12.44
N ALA A 402 10.18 -8.18 11.68
CA ALA A 402 8.78 -8.46 12.07
C ALA A 402 8.09 -9.42 11.10
N ALA A 403 8.86 -10.04 10.21
CA ALA A 403 8.29 -11.04 9.28
C ALA A 403 9.21 -12.22 9.19
N LEU A 404 8.60 -13.40 9.10
CA LEU A 404 9.33 -14.57 8.64
C LEU A 404 9.18 -14.73 7.11
N ARG A 405 10.13 -15.38 6.46
CA ARG A 405 10.05 -15.61 5.01
CA ARG A 405 10.01 -15.61 5.02
C ARG A 405 10.05 -17.08 4.69
N PRO A 406 9.14 -17.53 3.78
CA PRO A 406 9.23 -18.91 3.32
C PRO A 406 10.40 -19.08 2.33
N ARG A 407 11.03 -20.26 2.30
CA ARG A 407 12.00 -20.58 1.26
C ARG A 407 11.31 -21.06 0.00
N ALA A 408 11.53 -20.36 -1.11
CA ALA A 408 11.09 -20.81 -2.43
C ALA A 408 12.21 -21.64 -3.04
N GLY A 409 11.85 -22.71 -3.73
CA GLY A 409 12.83 -23.47 -4.50
C GLY A 409 13.43 -22.71 -5.67
N ASP A 410 14.38 -23.33 -6.35
CA ASP A 410 15.08 -22.67 -7.47
C ASP A 410 14.11 -22.34 -8.63
N ASP A 411 13.04 -23.12 -8.81
CA ASP A 411 11.94 -22.75 -9.73
C ASP A 411 10.98 -21.69 -9.21
N GLY A 412 11.26 -21.08 -8.06
CA GLY A 412 10.42 -20.01 -7.50
C GLY A 412 9.20 -20.49 -6.68
N LEU A 413 8.96 -21.80 -6.68
CA LEU A 413 7.81 -22.37 -5.97
C LEU A 413 8.09 -22.56 -4.49
N VAL A 414 7.17 -22.08 -3.64
CA VAL A 414 7.18 -22.39 -2.24
C VAL A 414 6.29 -23.65 -2.06
N ARG A 415 6.93 -24.75 -1.73
CA ARG A 415 6.22 -26.03 -1.64
C ARG A 415 5.49 -26.21 -0.31
N ARG A 416 4.56 -27.16 -0.29
CA ARG A 416 3.64 -27.35 0.83
C ARG A 416 4.40 -27.57 2.14
N GLU A 417 5.50 -28.31 2.09
CA GLU A 417 6.30 -28.54 3.29
C GLU A 417 6.83 -27.24 3.91
N GLU A 418 7.31 -26.34 3.06
CA GLU A 418 7.83 -25.03 3.52
C GLU A 418 6.66 -24.15 4.06
N VAL A 419 5.53 -24.16 3.34
CA VAL A 419 4.31 -23.46 3.79
C VAL A 419 3.95 -23.89 5.20
N ALA A 420 3.87 -25.20 5.41
CA ALA A 420 3.48 -25.72 6.74
C ALA A 420 4.48 -25.36 7.82
N ARG A 421 5.76 -25.47 7.46
CA ARG A 421 6.86 -25.16 8.37
C ARG A 421 6.79 -23.70 8.82
N VAL A 422 6.70 -22.76 7.87
CA VAL A 422 6.73 -21.35 8.24
C VAL A 422 5.42 -20.94 8.98
N VAL A 423 4.31 -21.55 8.57
CA VAL A 423 3.03 -21.23 9.24
C VAL A 423 3.11 -21.66 10.70
N LYS A 424 3.57 -22.89 10.91
CA LYS A 424 3.73 -23.40 12.28
C LYS A 424 4.78 -22.60 13.07
N GLY A 425 5.89 -22.24 12.42
CA GLY A 425 6.90 -21.38 13.02
C GLY A 425 6.33 -20.06 13.50
N LEU A 426 5.48 -19.45 12.68
CA LEU A 426 4.83 -18.19 13.05
C LEU A 426 3.83 -18.35 14.20
N MET A 427 2.93 -19.32 14.08
CA MET A 427 1.79 -19.47 14.99
C MET A 427 2.17 -20.06 16.35
N GLU A 428 3.13 -20.97 16.36
CA GLU A 428 3.32 -21.72 17.59
C GLU A 428 4.77 -21.96 17.94
N GLY A 429 5.67 -21.73 16.98
CA GLY A 429 7.05 -22.15 17.12
C GLY A 429 8.00 -21.10 17.65
N GLU A 430 9.23 -21.52 17.90
CA GLU A 430 10.25 -20.61 18.45
C GLU A 430 10.62 -19.50 17.49
N GLU A 431 10.59 -19.81 16.19
CA GLU A 431 11.03 -18.84 15.18
C GLU A 431 10.12 -17.62 15.12
N GLY A 432 8.85 -17.82 15.49
CA GLY A 432 7.84 -16.77 15.50
C GLY A 432 7.81 -15.87 16.74
N LYS A 433 8.52 -16.30 17.80
CA LYS A 433 8.53 -15.51 19.04
C LYS A 433 9.26 -14.17 18.89
N GLY A 434 10.38 -14.17 18.15
CA GLY A 434 11.14 -12.95 17.83
C GLY A 434 10.22 -11.94 17.13
N VAL A 435 9.59 -12.38 16.05
CA VAL A 435 8.70 -11.47 15.28
C VAL A 435 7.45 -11.05 16.05
N ARG A 436 6.89 -11.98 16.84
CA ARG A 436 5.74 -11.64 17.66
C ARG A 436 6.12 -10.58 18.69
N ASN A 437 7.29 -10.71 19.30
CA ASN A 437 7.78 -9.71 20.26
CA ASN A 437 7.80 -9.72 20.26
C ASN A 437 8.04 -8.38 19.58
N LYS A 438 8.65 -8.41 18.39
CA LYS A 438 8.91 -7.16 17.66
C LYS A 438 7.60 -6.46 17.32
N MET A 439 6.59 -7.21 16.89
CA MET A 439 5.32 -6.60 16.57
C MET A 439 4.64 -5.99 17.79
N LYS A 440 4.86 -6.61 18.95
CA LYS A 440 4.34 -6.07 20.21
C LYS A 440 4.94 -4.68 20.44
N GLU A 441 6.23 -4.55 20.23
CA GLU A 441 6.92 -3.28 20.41
C GLU A 441 6.45 -2.24 19.39
N LEU A 442 6.25 -2.67 18.14
CA LEU A 442 5.81 -1.75 17.10
C LEU A 442 4.38 -1.29 17.28
N LYS A 443 3.54 -2.17 17.83
CA LYS A 443 2.15 -1.86 18.13
C LYS A 443 2.12 -0.72 19.16
N GLU A 444 3.00 -0.79 20.16
N GLU A 444 3.01 -0.80 20.15
CA GLU A 444 3.11 0.25 21.17
CA GLU A 444 3.06 0.22 21.22
C GLU A 444 3.50 1.55 20.47
C GLU A 444 3.63 1.56 20.63
N ALA A 445 4.56 1.44 19.68
CA ALA A 445 5.13 2.59 18.98
C ALA A 445 4.09 3.22 18.06
N ALA A 446 3.24 2.41 17.39
CA ALA A 446 2.23 2.94 16.49
C ALA A 446 1.25 3.86 17.23
N CYS A 447 0.94 3.48 18.47
CA CYS A 447 0.11 4.35 19.30
C CYS A 447 0.85 5.64 19.68
N ARG A 448 2.06 5.49 20.19
CA ARG A 448 2.94 6.61 20.60
CA ARG A 448 2.91 6.62 20.61
C ARG A 448 2.96 7.71 19.55
N VAL A 449 3.23 7.33 18.30
CA VAL A 449 3.52 8.35 17.25
C VAL A 449 2.29 9.18 16.81
N LEU A 450 1.11 8.66 17.08
CA LEU A 450 -0.12 9.34 16.69
C LEU A 450 -0.82 10.07 17.85
N LYS A 451 -0.19 10.09 19.01
CA LYS A 451 -0.68 10.91 20.13
C LYS A 451 -0.58 12.38 19.77
N ASP A 452 -1.22 13.24 20.55
CA ASP A 452 -1.20 14.65 20.19
C ASP A 452 0.21 15.20 20.01
N ASP A 453 1.19 14.70 20.77
CA ASP A 453 2.59 15.18 20.62
C ASP A 453 3.53 14.06 20.15
N GLY A 454 2.92 13.08 19.49
CA GLY A 454 3.67 11.99 18.81
C GLY A 454 4.31 12.47 17.53
N THR A 455 5.43 11.86 17.14
CA THR A 455 6.17 12.37 15.97
C THR A 455 5.36 12.46 14.68
N SER A 456 4.49 11.47 14.43
CA SER A 456 3.70 11.49 13.19
C SER A 456 2.63 12.57 13.24
N THR A 457 1.99 12.71 14.39
CA THR A 457 1.06 13.80 14.57
C THR A 457 1.76 15.13 14.40
N LYS A 458 2.94 15.29 15.02
CA LYS A 458 3.69 16.59 14.88
C LYS A 458 3.94 16.93 13.39
N ALA A 459 4.37 15.92 12.65
CA ALA A 459 4.70 16.08 11.23
C ALA A 459 3.48 16.50 10.42
N LEU A 460 2.35 15.84 10.62
CA LEU A 460 1.14 16.19 9.85
C LEU A 460 0.64 17.58 10.24
N SER A 461 0.77 17.88 11.55
CA SER A 461 0.37 19.17 12.08
CA SER A 461 0.37 19.17 12.08
C SER A 461 1.18 20.29 11.44
N LEU A 462 2.48 20.05 11.24
CA LEU A 462 3.37 21.03 10.61
C LEU A 462 2.89 21.33 9.18
N VAL A 463 2.49 20.27 8.46
CA VAL A 463 1.96 20.46 7.08
C VAL A 463 0.64 21.26 7.09
N ALA A 464 -0.30 20.85 7.93
CA ALA A 464 -1.59 21.51 8.03
C ALA A 464 -1.40 22.98 8.41
N LEU A 465 -0.47 23.24 9.34
CA LEU A 465 -0.17 24.59 9.77
C LEU A 465 0.37 25.47 8.62
N LYS A 466 1.26 24.89 7.82
CA LYS A 466 1.79 25.50 6.60
C LYS A 466 0.66 25.84 5.63
N TRP A 467 -0.31 24.93 5.49
CA TRP A 467 -1.44 25.16 4.60
C TRP A 467 -2.36 26.27 5.14
N LYS A 468 -2.61 26.27 6.44
CA LYS A 468 -3.41 27.34 7.05
C LYS A 468 -2.73 28.71 6.87
N ALA A 469 -1.42 28.74 7.06
CA ALA A 469 -0.67 30.00 6.88
C ALA A 469 -0.75 30.49 5.40
N HIS A 470 -0.53 29.59 4.45
CA HIS A 470 -0.61 29.89 3.02
C HIS A 470 -1.97 30.48 2.69
N LYS A 471 -3.04 29.83 3.15
CA LYS A 471 -4.40 30.30 2.89
C LYS A 471 -4.60 31.69 3.51
N LYS A 472 -4.12 31.83 4.74
CA LYS A 472 -4.22 33.11 5.44
C LYS A 472 -3.59 34.22 4.62
N GLU A 473 -2.38 34.00 4.12
CA GLU A 473 -1.63 35.04 3.39
C GLU A 473 -2.33 35.36 2.06
N LEU A 474 -2.83 34.33 1.39
CA LEU A 474 -3.53 34.52 0.10
C LEU A 474 -4.78 35.39 0.26
N GLU A 475 -5.62 35.07 1.24
CA GLU A 475 -6.91 35.71 1.41
C GLU A 475 -6.79 37.11 2.03
N GLN A 476 -5.60 37.44 2.56
CA GLN A 476 -5.41 38.74 3.20
C GLN A 476 -4.75 39.77 2.27
N1 UDP B . -8.07 -5.05 1.69
C2 UDP B . -9.31 -5.40 2.20
N3 UDP B . -9.79 -6.66 1.93
C4 UDP B . -9.06 -7.57 1.16
C5 UDP B . -7.83 -7.23 0.62
C6 UDP B . -7.36 -5.93 0.86
O2 UDP B . -9.99 -4.65 2.89
O4 UDP B . -9.59 -8.65 0.92
C1' UDP B . -7.53 -3.73 1.98
C2' UDP B . -6.40 -3.82 3.02
O2' UDP B . -6.93 -3.72 4.31
C3' UDP B . -5.45 -2.68 2.64
C4' UDP B . -5.69 -2.56 1.15
O4' UDP B . -6.93 -3.17 0.85
O3' UDP B . -5.96 -1.47 3.20
C5' UDP B . -4.60 -3.28 0.33
O5' UDP B . -3.49 -2.38 0.24
PA UDP B . -1.98 -2.90 0.36
O1A UDP B . -1.09 -1.74 0.42
O2A UDP B . -1.80 -3.89 1.46
O3A UDP B . -1.73 -3.70 -1.00
PB UDP B . -2.22 -3.44 -2.53
O1B UDP B . -1.96 -2.02 -2.89
O2B UDP B . -3.65 -3.76 -2.64
O3B UDP B . -1.34 -4.36 -3.31
C TRS C . 1.09 -0.35 -2.58
C1 TRS C . 2.25 0.38 -3.26
C2 TRS C . 1.59 -1.61 -1.87
C3 TRS C . 0.38 0.54 -1.54
N TRS C . 0.05 -0.68 -3.59
O1 TRS C . 2.81 -0.44 -4.32
O2 TRS C . 2.51 -1.25 -0.86
O3 TRS C . 0.04 1.80 -2.10
C1 EDO D . 7.11 -16.53 -2.28
O1 EDO D . 8.51 -16.79 -2.23
C2 EDO D . 6.86 -15.37 -3.23
O2 EDO D . 7.30 -14.22 -2.51
C1 EDO E . 0.63 0.71 -7.38
O1 EDO E . 1.25 1.33 -6.23
C2 EDO E . 1.38 -0.57 -7.63
O2 EDO E . 0.94 -1.49 -6.60
C1 EDO F . -4.55 -17.58 -4.87
O1 EDO F . -4.65 -16.74 -6.02
C2 EDO F . -4.29 -16.75 -3.62
O2 EDO F . -5.49 -16.13 -3.18
C1 EDO G . -2.69 22.95 12.57
O1 EDO G . -3.88 22.23 12.22
C2 EDO G . -2.41 22.67 14.04
O2 EDO G . -2.68 21.28 14.30
C1 EDO H . -13.32 8.40 -12.88
O1 EDO H . -14.38 8.46 -11.93
C2 EDO H . -13.73 7.43 -13.98
O2 EDO H . -14.78 8.04 -14.74
C1 EDO I . -18.32 6.44 -16.01
O1 EDO I . -17.22 6.45 -15.09
C2 EDO I . -18.00 5.64 -17.25
O2 EDO I . -18.38 6.36 -18.44
C1 EDO J . 19.82 -1.41 -19.84
O1 EDO J . 18.52 -1.43 -20.51
C2 EDO J . 20.84 -2.34 -20.53
O2 EDO J . 20.06 -3.19 -21.39
C1 EDO K . -11.97 -34.64 6.51
O1 EDO K . -12.60 -34.12 5.33
C2 EDO K . -10.70 -35.42 6.19
O2 EDO K . -9.64 -34.90 7.01
C1 EDO L . 19.37 -0.29 8.11
O1 EDO L . 18.45 0.16 9.14
C2 EDO L . 20.02 -1.66 8.43
O2 EDO L . 19.56 -2.75 7.57
#